data_2C79
#
_entry.id   2C79
#
_cell.length_a   105.775
_cell.length_b   105.775
_cell.length_c   35.349
_cell.angle_alpha   90.00
_cell.angle_beta   90.00
_cell.angle_gamma   90.00
#
_symmetry.space_group_name_H-M   'P 41 21 2'
#
loop_
_entity.id
_entity.type
_entity.pdbx_description
1 polymer 'GLYCOSIDE HYDROLASE, FAMILY 11\:CLOSTRIDIUM CELLULOSOME ENZYME, DOCKERIN TYPE I\:POLYSACCHARIDE'
2 non-polymer 'COBALT (II) ION'
3 water water
#
_entity_poly.entity_id   1
_entity_poly.type   'polypeptide(L)'
_entity_poly.pdbx_seq_one_letter_code
;MPANKLVALTFDDGPDNVLTARVLDKLDKYNVKATFMVVGQRVNDSTAAIIRRMVNSGHEIGNHSWSYSGMANMSPDQIR
KSIADTNAVIQKYAGTTPKFFRPPNLETSPTLFNNVDLVFVGGLTANDWIPSTTAEQRAAAVINGVRDGTIILLHDVQPE
PHPTPEALDIIIPTLKSRGYEFVTLTELFTLKGVPIDPSVKRMYNSVPLEHHHHHH
;
_entity_poly.pdbx_strand_id   A
#
loop_
_chem_comp.id
_chem_comp.type
_chem_comp.name
_chem_comp.formula
CO non-polymer 'COBALT (II) ION' 'Co 2'
#
# COMPACT_ATOMS: atom_id res chain seq x y z
N LYS A 5 -4.80 -5.67 -18.91
CA LYS A 5 -4.11 -4.54 -18.30
C LYS A 5 -4.42 -4.45 -16.82
N LEU A 6 -3.40 -4.58 -15.98
CA LEU A 6 -3.58 -4.62 -14.54
C LEU A 6 -2.90 -3.44 -13.86
N VAL A 7 -3.51 -2.93 -12.79
N VAL A 7 -3.48 -3.02 -12.74
CA VAL A 7 -2.84 -2.00 -11.85
CA VAL A 7 -2.84 -2.02 -11.89
C VAL A 7 -3.10 -2.42 -10.44
C VAL A 7 -3.19 -2.30 -10.43
N ALA A 8 -2.23 -1.98 -9.55
CA ALA A 8 -2.41 -2.23 -8.10
C ALA A 8 -2.55 -0.89 -7.37
N LEU A 9 -3.73 -0.61 -6.83
N LEU A 9 -3.76 -0.55 -6.87
CA LEU A 9 -3.96 0.57 -6.04
CA LEU A 9 -3.92 0.59 -5.97
C LEU A 9 -3.50 0.26 -4.61
C LEU A 9 -3.35 0.16 -4.64
N THR A 10 -2.54 1.05 -4.07
CA THR A 10 -1.98 0.80 -2.74
C THR A 10 -2.06 2.07 -1.89
N PHE A 11 -2.18 1.88 -0.58
CA PHE A 11 -2.43 3.02 0.32
C PHE A 11 -1.51 2.93 1.52
N ASP A 12 -0.74 4.00 1.75
CA ASP A 12 0.14 4.07 2.92
C ASP A 12 -0.53 4.78 4.09
N ASP A 13 -0.08 4.46 5.29
CA ASP A 13 0.03 5.45 6.36
C ASP A 13 -1.10 5.29 7.39
N GLY A 14 -1.83 4.20 7.26
CA GLY A 14 -2.90 3.86 8.19
C GLY A 14 -2.56 2.64 9.02
N PRO A 15 -3.54 2.08 9.71
CA PRO A 15 -4.98 2.39 9.62
C PRO A 15 -5.40 3.56 10.48
N ASP A 16 -6.44 4.23 10.01
CA ASP A 16 -7.11 5.25 10.81
C ASP A 16 -8.59 4.96 10.70
N ASN A 17 -9.26 4.77 11.84
CA ASN A 17 -10.68 4.37 11.77
C ASN A 17 -11.53 5.28 10.89
N VAL A 18 -11.26 6.59 10.96
CA VAL A 18 -12.07 7.53 10.17
C VAL A 18 -11.55 7.59 8.72
N LEU A 19 -10.27 7.91 8.55
CA LEU A 19 -9.78 8.19 7.19
C LEU A 19 -9.70 6.91 6.35
N THR A 20 -9.28 5.79 6.95
CA THR A 20 -9.19 4.57 6.19
C THR A 20 -10.58 4.11 5.78
N ALA A 21 -11.60 4.28 6.66
CA ALA A 21 -12.94 3.84 6.27
C ALA A 21 -13.43 4.63 5.04
N ARG A 22 -13.04 5.91 4.89
CA ARG A 22 -13.44 6.65 3.69
C ARG A 22 -12.92 5.95 2.42
N VAL A 23 -11.68 5.45 2.46
CA VAL A 23 -11.11 4.78 1.30
C VAL A 23 -11.84 3.42 1.12
N LEU A 24 -12.00 2.67 2.23
CA LEU A 24 -12.66 1.36 2.12
C LEU A 24 -14.10 1.53 1.56
N ASP A 25 -14.81 2.59 1.95
CA ASP A 25 -16.17 2.79 1.40
C ASP A 25 -16.12 3.00 -0.10
N LYS A 26 -15.14 3.75 -0.63
CA LYS A 26 -15.06 3.92 -2.09
C LYS A 26 -14.74 2.60 -2.76
N LEU A 27 -13.87 1.80 -2.13
CA LEU A 27 -13.52 0.50 -2.76
C LEU A 27 -14.74 -0.42 -2.76
N ASP A 28 -15.58 -0.34 -1.72
CA ASP A 28 -16.83 -1.13 -1.71
C ASP A 28 -17.78 -0.65 -2.81
N LYS A 29 -17.87 0.68 -3.01
CA LYS A 29 -18.78 1.22 -4.01
C LYS A 29 -18.47 0.67 -5.41
N TYR A 30 -17.18 0.59 -5.73
CA TYR A 30 -16.72 0.19 -7.08
C TYR A 30 -16.36 -1.29 -7.13
N ASN A 31 -16.49 -2.01 -6.00
CA ASN A 31 -16.13 -3.42 -5.91
C ASN A 31 -14.68 -3.67 -6.39
N VAL A 32 -13.77 -2.86 -5.85
CA VAL A 32 -12.35 -2.93 -6.22
C VAL A 32 -11.53 -3.43 -5.04
N LYS A 33 -10.48 -4.22 -5.33
CA LYS A 33 -9.53 -4.69 -4.30
C LYS A 33 -8.30 -3.81 -4.31
N ALA A 34 -7.64 -3.66 -3.16
CA ALA A 34 -6.45 -2.82 -3.05
C ALA A 34 -5.53 -3.42 -2.01
N THR A 35 -4.40 -2.76 -1.78
CA THR A 35 -3.42 -3.18 -0.74
C THR A 35 -3.13 -2.00 0.18
N PHE A 36 -3.15 -2.29 1.49
CA PHE A 36 -2.88 -1.26 2.50
C PHE A 36 -1.54 -1.56 3.16
N MET A 37 -0.61 -0.59 3.08
CA MET A 37 0.75 -0.75 3.67
C MET A 37 0.67 -0.03 5.00
N VAL A 38 0.55 -0.81 6.08
CA VAL A 38 0.15 -0.25 7.40
C VAL A 38 1.34 -0.01 8.32
N VAL A 39 1.13 0.90 9.26
CA VAL A 39 2.19 1.35 10.18
C VAL A 39 1.87 0.69 11.52
N GLY A 40 2.84 -0.08 12.06
CA GLY A 40 2.57 -0.91 13.24
C GLY A 40 2.03 -0.15 14.45
N GLN A 41 2.56 1.05 14.70
CA GLN A 41 2.09 1.93 15.80
CA GLN A 41 2.09 1.73 15.91
C GLN A 41 0.60 2.17 15.79
N ARG A 42 0.00 2.09 14.60
CA ARG A 42 -1.44 2.42 14.44
C ARG A 42 -2.32 1.17 14.54
N VAL A 43 -1.72 -0.03 14.61
CA VAL A 43 -2.50 -1.27 14.58
C VAL A 43 -2.68 -1.74 16.02
N ASN A 44 -3.90 -1.64 16.53
CA ASN A 44 -4.14 -1.95 17.95
C ASN A 44 -5.61 -2.34 18.13
N ASP A 45 -6.06 -2.53 19.36
CA ASP A 45 -7.41 -3.03 19.55
C ASP A 45 -8.43 -2.06 18.92
N SER A 46 -8.12 -0.73 18.99
N SER A 46 -8.16 -0.78 18.95
CA SER A 46 -9.03 0.28 18.43
CA SER A 46 -9.11 0.19 18.44
C SER A 46 -9.19 0.14 16.92
C SER A 46 -9.17 0.22 16.91
N THR A 47 -8.13 -0.30 16.24
CA THR A 47 -8.17 -0.42 14.78
C THR A 47 -8.23 -1.88 14.30
N ALA A 48 -8.45 -2.80 15.22
CA ALA A 48 -8.52 -4.23 14.84
C ALA A 48 -9.63 -4.52 13.84
N ALA A 49 -10.83 -3.96 14.10
CA ALA A 49 -11.94 -4.28 13.19
C ALA A 49 -11.70 -3.74 11.78
N ILE A 50 -11.10 -2.56 11.66
CA ILE A 50 -10.95 -1.98 10.33
C ILE A 50 -9.81 -2.71 9.58
N ILE A 51 -8.79 -3.18 10.32
CA ILE A 51 -7.74 -4.04 9.72
C ILE A 51 -8.40 -5.33 9.24
N ARG A 52 -9.30 -5.91 10.06
CA ARG A 52 -9.97 -7.15 9.66
CA ARG A 52 -9.92 -7.14 9.62
C ARG A 52 -10.90 -6.93 8.45
N ARG A 53 -11.55 -5.77 8.41
CA ARG A 53 -12.40 -5.40 7.30
C ARG A 53 -11.62 -5.43 5.99
N MET A 54 -10.34 -5.02 6.03
CA MET A 54 -9.54 -5.11 4.79
C MET A 54 -9.49 -6.54 4.28
N VAL A 55 -9.09 -7.45 5.16
N VAL A 55 -9.12 -7.48 5.13
CA VAL A 55 -9.01 -8.87 4.80
CA VAL A 55 -9.01 -8.86 4.61
C VAL A 55 -10.36 -9.38 4.30
C VAL A 55 -10.36 -9.52 4.35
N ASN A 56 -11.40 -9.06 5.08
CA ASN A 56 -12.72 -9.59 4.82
C ASN A 56 -13.22 -9.21 3.43
N SER A 57 -12.74 -8.06 2.94
CA SER A 57 -13.21 -7.45 1.72
C SER A 57 -12.30 -7.80 0.55
N GLY A 58 -11.33 -8.69 0.76
CA GLY A 58 -10.44 -9.10 -0.33
C GLY A 58 -9.21 -8.24 -0.55
N HIS A 59 -9.00 -7.24 0.33
CA HIS A 59 -7.79 -6.45 0.22
C HIS A 59 -6.61 -7.18 0.85
N GLU A 60 -5.41 -6.72 0.54
CA GLU A 60 -4.20 -7.27 1.09
C GLU A 60 -3.58 -6.24 2.05
N ILE A 61 -2.82 -6.73 3.02
CA ILE A 61 -2.12 -5.87 3.96
C ILE A 61 -0.63 -6.11 3.81
N GLY A 62 0.11 -5.02 3.66
CA GLY A 62 1.58 -5.08 3.65
C GLY A 62 2.15 -4.25 4.79
N ASN A 63 3.49 -4.19 4.86
CA ASN A 63 4.19 -3.64 6.02
C ASN A 63 4.83 -2.28 5.64
N HIS A 64 4.47 -1.22 6.38
CA HIS A 64 5.09 0.12 6.15
C HIS A 64 5.90 0.52 7.38
N SER A 65 6.38 -0.46 8.14
CA SER A 65 7.26 -0.21 9.29
C SER A 65 6.46 0.08 10.56
N TRP A 66 7.12 0.03 11.72
CA TRP A 66 6.45 0.34 12.98
C TRP A 66 6.04 1.81 13.09
N SER A 67 6.76 2.70 12.40
CA SER A 67 6.55 4.12 12.58
C SER A 67 6.74 4.89 11.27
N TYR A 68 7.11 6.16 11.40
CA TYR A 68 7.16 7.06 10.24
C TYR A 68 8.61 7.53 9.95
N SER A 69 9.59 6.85 10.54
CA SER A 69 11.02 7.24 10.39
C SER A 69 11.64 6.55 9.18
N GLY A 70 12.45 7.28 8.41
CA GLY A 70 13.23 6.67 7.36
C GLY A 70 14.14 5.59 7.95
N MET A 71 14.36 4.50 7.22
CA MET A 71 15.05 3.33 7.75
C MET A 71 16.39 3.03 7.11
N ALA A 72 16.79 3.85 6.15
CA ALA A 72 17.98 3.51 5.37
C ALA A 72 19.24 3.46 6.22
N ASN A 73 19.26 4.27 7.28
CA ASN A 73 20.44 4.37 8.16
C ASN A 73 20.28 3.70 9.49
N MET A 74 19.23 2.87 9.61
CA MET A 74 19.02 2.15 10.85
C MET A 74 19.96 0.93 10.92
N SER A 75 20.15 0.40 12.13
CA SER A 75 20.95 -0.79 12.31
C SER A 75 20.11 -2.02 12.00
N PRO A 76 20.78 -3.16 11.75
CA PRO A 76 20.00 -4.39 11.56
C PRO A 76 19.03 -4.68 12.72
N ASP A 77 19.42 -4.45 13.98
CA ASP A 77 18.49 -4.73 15.08
C ASP A 77 17.30 -3.77 15.03
N GLN A 78 17.55 -2.49 14.70
CA GLN A 78 16.43 -1.52 14.63
C GLN A 78 15.47 -1.88 13.52
N ILE A 79 16.03 -2.27 12.37
CA ILE A 79 15.18 -2.69 11.23
C ILE A 79 14.37 -3.93 11.58
N ARG A 80 15.05 -4.97 12.07
CA ARG A 80 14.36 -6.22 12.41
CA ARG A 80 14.30 -6.18 12.33
C ARG A 80 13.21 -6.01 13.39
N LYS A 81 13.46 -5.17 14.41
CA LYS A 81 12.41 -4.92 15.41
C LYS A 81 11.20 -4.23 14.80
N SER A 82 11.47 -3.21 13.99
CA SER A 82 10.38 -2.42 13.37
C SER A 82 9.49 -3.33 12.48
N ILE A 83 10.13 -4.15 11.63
N ILE A 83 10.14 -4.13 11.63
CA ILE A 83 9.38 -5.05 10.73
CA ILE A 83 9.42 -5.06 10.75
C ILE A 83 8.67 -6.20 11.49
C ILE A 83 8.64 -6.10 11.57
N ALA A 84 9.34 -6.80 12.47
CA ALA A 84 8.77 -7.93 13.19
C ALA A 84 7.61 -7.49 14.05
N ASP A 85 7.75 -6.37 14.72
CA ASP A 85 6.67 -5.89 15.60
C ASP A 85 5.44 -5.55 14.77
N THR A 86 5.66 -4.97 13.57
CA THR A 86 4.53 -4.65 12.69
C THR A 86 3.86 -5.93 12.19
N ASN A 87 4.67 -6.90 11.73
CA ASN A 87 4.08 -8.17 11.34
C ASN A 87 3.24 -8.82 12.46
N ALA A 88 3.73 -8.74 13.70
CA ALA A 88 3.05 -9.43 14.81
C ALA A 88 1.66 -8.82 15.04
N VAL A 89 1.54 -7.49 14.95
CA VAL A 89 0.21 -6.90 15.19
C VAL A 89 -0.72 -7.14 14.03
N ILE A 90 -0.17 -7.13 12.80
CA ILE A 90 -1.02 -7.49 11.62
C ILE A 90 -1.54 -8.93 11.79
N GLN A 91 -0.65 -9.83 12.17
CA GLN A 91 -1.09 -11.25 12.35
C GLN A 91 -2.18 -11.37 13.43
N LYS A 92 -2.01 -10.62 14.52
CA LYS A 92 -2.97 -10.70 15.62
C LYS A 92 -4.38 -10.36 15.17
N TYR A 93 -4.53 -9.28 14.40
CA TYR A 93 -5.88 -8.78 14.14
C TYR A 93 -6.41 -9.16 12.75
N ALA A 94 -5.47 -9.38 11.81
CA ALA A 94 -5.86 -9.70 10.41
C ALA A 94 -5.79 -11.21 10.15
N GLY A 95 -4.92 -11.90 10.88
CA GLY A 95 -4.68 -13.32 10.69
C GLY A 95 -3.86 -13.61 9.45
N THR A 96 -3.18 -12.58 8.92
CA THR A 96 -2.34 -12.75 7.75
C THR A 96 -0.94 -12.24 8.01
N THR A 97 0.00 -12.66 7.18
N THR A 97 0.01 -12.63 7.18
CA THR A 97 1.37 -12.14 7.26
CA THR A 97 1.39 -12.16 7.32
C THR A 97 1.71 -11.40 5.97
C THR A 97 1.84 -11.47 6.02
N PRO A 98 2.26 -10.21 6.11
CA PRO A 98 2.67 -9.49 4.91
C PRO A 98 3.69 -10.23 4.06
N LYS A 99 3.58 -10.06 2.75
N LYS A 99 3.60 -10.02 2.74
N LYS A 99 3.57 -10.06 2.74
CA LYS A 99 4.59 -10.49 1.80
CA LYS A 99 4.57 -10.48 1.78
CA LYS A 99 4.58 -10.50 1.79
C LYS A 99 5.39 -9.32 1.25
C LYS A 99 5.38 -9.32 1.23
C LYS A 99 5.36 -9.33 1.19
N PHE A 100 4.86 -8.11 1.42
CA PHE A 100 5.41 -6.89 0.83
C PHE A 100 5.73 -5.85 1.86
N PHE A 101 6.76 -5.05 1.56
CA PHE A 101 7.24 -3.96 2.44
C PHE A 101 7.37 -2.69 1.59
N ARG A 102 6.86 -1.57 2.10
CA ARG A 102 7.12 -0.27 1.49
CA ARG A 102 7.15 -0.29 1.48
C ARG A 102 8.01 0.53 2.42
N PRO A 103 9.25 0.85 1.97
CA PRO A 103 10.13 1.60 2.90
C PRO A 103 9.57 2.97 3.20
N PRO A 104 9.62 3.38 4.49
CA PRO A 104 9.27 4.78 4.79
C PRO A 104 10.07 5.76 3.91
N ASN A 105 9.35 6.70 3.34
CA ASN A 105 9.93 7.74 2.45
C ASN A 105 10.55 7.18 1.16
N LEU A 106 10.28 5.90 0.87
CA LEU A 106 10.92 5.18 -0.25
C LEU A 106 12.45 5.16 -0.13
N GLU A 107 12.97 5.31 1.09
CA GLU A 107 14.42 5.34 1.26
C GLU A 107 14.97 3.95 1.55
N THR A 108 15.93 3.52 0.73
CA THR A 108 16.51 2.24 0.93
C THR A 108 18.03 2.33 1.09
N SER A 109 18.60 1.23 1.53
CA SER A 109 20.05 1.05 1.55
C SER A 109 20.32 -0.45 1.44
N PRO A 110 21.55 -0.85 1.16
CA PRO A 110 21.88 -2.30 1.19
C PRO A 110 21.53 -2.90 2.53
N THR A 111 21.80 -2.20 3.67
CA THR A 111 21.46 -2.77 4.97
C THR A 111 19.96 -3.01 5.10
N LEU A 112 19.15 -2.07 4.61
CA LEU A 112 17.71 -2.26 4.69
C LEU A 112 17.30 -3.49 3.85
N PHE A 113 17.78 -3.56 2.62
CA PHE A 113 17.47 -4.74 1.81
C PHE A 113 17.92 -6.02 2.46
N ASN A 114 19.09 -5.98 3.10
N ASN A 114 19.06 -5.97 3.12
CA ASN A 114 19.65 -7.19 3.71
CA ASN A 114 19.56 -7.20 3.63
C ASN A 114 18.83 -7.73 4.87
C ASN A 114 18.94 -7.68 4.95
N ASN A 115 18.11 -6.83 5.54
CA ASN A 115 17.48 -7.16 6.82
C ASN A 115 15.97 -7.19 6.78
N VAL A 116 15.39 -7.07 5.58
CA VAL A 116 13.94 -7.22 5.43
C VAL A 116 13.63 -8.33 4.41
N ASP A 117 13.06 -9.43 4.91
CA ASP A 117 12.69 -10.56 4.06
C ASP A 117 11.26 -10.47 3.47
N LEU A 118 11.02 -9.36 2.78
CA LEU A 118 9.73 -9.05 2.16
C LEU A 118 10.07 -8.44 0.80
N VAL A 119 9.12 -8.47 -0.13
CA VAL A 119 9.34 -7.86 -1.44
C VAL A 119 9.13 -6.36 -1.32
N PHE A 120 10.09 -5.55 -1.79
CA PHE A 120 10.01 -4.08 -1.64
C PHE A 120 9.21 -3.48 -2.75
N VAL A 121 8.24 -2.63 -2.41
CA VAL A 121 7.44 -1.95 -3.42
C VAL A 121 7.49 -0.41 -3.23
N GLY A 122 7.52 0.28 -4.37
CA GLY A 122 7.44 1.74 -4.39
C GLY A 122 6.18 2.15 -5.10
N GLY A 123 6.33 2.63 -6.31
CA GLY A 123 5.16 2.91 -7.15
C GLY A 123 5.07 4.34 -7.61
N LEU A 124 4.13 4.54 -8.53
CA LEU A 124 3.75 5.86 -9.08
C LEU A 124 3.11 6.68 -7.98
N THR A 125 3.67 7.84 -7.69
CA THR A 125 3.06 8.74 -6.68
C THR A 125 2.18 9.79 -7.36
N ALA A 126 1.38 10.50 -6.55
CA ALA A 126 0.36 11.42 -7.07
C ALA A 126 0.24 12.69 -6.26
N ASN A 127 1.32 13.07 -5.54
CA ASN A 127 1.30 14.30 -4.74
C ASN A 127 0.16 14.36 -3.76
N ASP A 128 -0.30 13.20 -3.27
CA ASP A 128 -1.51 13.19 -2.42
C ASP A 128 -1.19 13.35 -0.93
N TRP A 129 0.09 13.68 -0.62
CA TRP A 129 0.48 14.10 0.73
C TRP A 129 0.52 15.63 0.85
N ILE A 130 0.09 16.33 -0.23
CA ILE A 130 0.16 17.80 -0.27
C ILE A 130 -1.29 18.28 -0.19
N PRO A 131 -1.74 18.71 1.02
N PRO A 131 -1.66 18.90 0.95
CA PRO A 131 -3.16 19.07 1.16
CA PRO A 131 -3.08 19.11 1.21
C PRO A 131 -3.75 20.09 0.21
C PRO A 131 -3.72 20.22 0.38
N SER A 132 -2.91 20.95 -0.39
CA SER A 132 -3.47 21.93 -1.31
C SER A 132 -3.90 21.31 -2.65
N THR A 133 -3.48 20.07 -2.93
CA THR A 133 -3.83 19.47 -4.23
C THR A 133 -5.22 18.82 -4.14
N THR A 134 -6.01 18.97 -5.19
CA THR A 134 -7.42 18.58 -5.15
C THR A 134 -7.62 17.12 -5.58
N ALA A 135 -8.85 16.62 -5.39
CA ALA A 135 -9.21 15.30 -5.85
C ALA A 135 -8.93 15.17 -7.34
N GLU A 136 -9.30 16.19 -8.13
CA GLU A 136 -9.12 16.11 -9.54
C GLU A 136 -7.62 16.03 -9.92
N GLN A 137 -6.79 16.80 -9.21
CA GLN A 137 -5.34 16.79 -9.51
C GLN A 137 -4.72 15.43 -9.14
N ARG A 138 -5.12 14.89 -8.01
CA ARG A 138 -4.62 13.58 -7.60
C ARG A 138 -5.00 12.50 -8.61
N ALA A 139 -6.28 12.56 -9.07
CA ALA A 139 -6.77 11.61 -10.07
C ALA A 139 -6.00 11.77 -11.39
N ALA A 140 -5.79 13.02 -11.84
CA ALA A 140 -5.09 13.25 -13.11
C ALA A 140 -3.65 12.70 -13.04
N ALA A 141 -2.99 12.88 -11.88
CA ALA A 141 -1.61 12.38 -11.73
C ALA A 141 -1.60 10.86 -11.93
N VAL A 142 -2.56 10.17 -11.33
CA VAL A 142 -2.59 8.71 -11.45
C VAL A 142 -2.97 8.28 -12.86
N ILE A 143 -4.07 8.84 -13.37
CA ILE A 143 -4.61 8.39 -14.67
C ILE A 143 -3.60 8.57 -15.82
N ASN A 144 -2.87 9.67 -15.78
CA ASN A 144 -1.89 9.94 -16.84
C ASN A 144 -0.56 9.22 -16.68
N GLY A 145 -0.29 8.67 -15.49
CA GLY A 145 0.95 7.95 -15.24
C GLY A 145 0.88 6.44 -15.34
N VAL A 146 -0.31 5.86 -15.23
N VAL A 146 -0.33 5.88 -15.24
CA VAL A 146 -0.35 4.41 -15.21
CA VAL A 146 -0.48 4.42 -15.20
C VAL A 146 -0.02 3.81 -16.56
C VAL A 146 -0.22 3.74 -16.54
N ARG A 147 0.44 2.58 -16.47
N ARG A 147 0.45 2.59 -16.45
CA ARG A 147 0.50 1.67 -17.58
CA ARG A 147 0.70 1.69 -17.55
C ARG A 147 0.22 0.28 -17.05
C ARG A 147 0.33 0.28 -17.06
N ASP A 148 0.16 -0.70 -17.96
CA ASP A 148 -0.04 -2.08 -17.54
C ASP A 148 1.07 -2.48 -16.55
N GLY A 149 0.68 -2.91 -15.35
CA GLY A 149 1.63 -3.37 -14.33
C GLY A 149 2.00 -2.29 -13.28
N THR A 150 1.50 -1.07 -13.43
CA THR A 150 1.87 -0.03 -12.46
C THR A 150 1.36 -0.35 -11.05
N ILE A 151 2.22 -0.09 -10.05
CA ILE A 151 1.83 -0.01 -8.66
C ILE A 151 1.59 1.46 -8.37
N ILE A 152 0.39 1.77 -7.91
CA ILE A 152 0.03 3.14 -7.60
C ILE A 152 0.17 3.41 -6.11
N LEU A 153 0.97 4.41 -5.74
CA LEU A 153 1.22 4.73 -4.33
C LEU A 153 0.35 5.95 -3.94
N LEU A 154 -0.71 5.68 -3.16
CA LEU A 154 -1.49 6.73 -2.55
C LEU A 154 -1.42 6.62 -1.02
N HIS A 155 -2.03 7.57 -0.34
CA HIS A 155 -2.09 7.48 1.14
C HIS A 155 -3.54 7.43 1.56
N ASP A 156 -3.88 6.46 2.42
CA ASP A 156 -5.23 6.56 3.01
C ASP A 156 -5.26 7.53 4.16
N VAL A 157 -4.09 7.80 4.77
CA VAL A 157 -4.04 8.66 5.94
C VAL A 157 -3.00 9.74 5.73
N GLN A 158 -3.42 10.99 5.87
CA GLN A 158 -2.55 12.20 5.82
C GLN A 158 -3.30 13.28 6.56
N PRO A 159 -2.59 14.33 6.97
CA PRO A 159 -3.26 15.53 7.50
C PRO A 159 -4.25 16.08 6.46
N GLU A 160 -5.37 16.64 6.95
CA GLU A 160 -6.39 17.14 6.01
C GLU A 160 -6.17 18.61 5.64
N PRO A 161 -6.78 19.06 4.53
CA PRO A 161 -7.63 18.31 3.59
C PRO A 161 -6.91 17.13 2.94
N HIS A 162 -7.63 16.03 2.79
CA HIS A 162 -7.03 14.83 2.21
C HIS A 162 -8.04 14.13 1.26
N PRO A 163 -8.31 14.76 0.08
CA PRO A 163 -9.34 14.26 -0.84
C PRO A 163 -8.91 13.05 -1.69
N THR A 164 -8.10 12.15 -1.13
CA THR A 164 -7.77 10.90 -1.83
C THR A 164 -8.97 10.00 -2.07
N PRO A 165 -9.88 9.82 -1.07
CA PRO A 165 -11.09 9.00 -1.39
C PRO A 165 -11.85 9.60 -2.59
N GLU A 166 -11.98 10.93 -2.61
CA GLU A 166 -12.71 11.57 -3.70
CA GLU A 166 -12.68 11.62 -3.71
C GLU A 166 -11.97 11.39 -5.05
N ALA A 167 -10.64 11.36 -5.03
CA ALA A 167 -9.89 11.10 -6.26
C ALA A 167 -10.28 9.74 -6.85
N LEU A 168 -10.55 8.76 -5.96
CA LEU A 168 -10.93 7.41 -6.45
C LEU A 168 -12.21 7.42 -7.28
N ASP A 169 -13.10 8.39 -7.04
CA ASP A 169 -14.33 8.49 -7.90
C ASP A 169 -14.02 8.83 -9.36
N ILE A 170 -12.83 9.35 -9.63
CA ILE A 170 -12.37 9.59 -11.00
C ILE A 170 -11.43 8.47 -11.42
N ILE A 171 -10.46 8.12 -10.58
CA ILE A 171 -9.47 7.11 -10.98
C ILE A 171 -10.11 5.77 -11.35
N ILE A 172 -10.99 5.26 -10.49
CA ILE A 172 -11.48 3.89 -10.69
C ILE A 172 -12.33 3.78 -11.98
N PRO A 173 -13.35 4.63 -12.14
CA PRO A 173 -14.12 4.56 -13.41
C PRO A 173 -13.28 4.82 -14.67
N THR A 174 -12.38 5.80 -14.64
CA THR A 174 -11.56 6.10 -15.81
C THR A 174 -10.69 4.92 -16.19
N LEU A 175 -9.99 4.36 -15.20
CA LEU A 175 -9.12 3.25 -15.58
C LEU A 175 -9.94 2.04 -16.03
N LYS A 176 -11.06 1.76 -15.37
CA LYS A 176 -11.87 0.64 -15.86
C LYS A 176 -12.30 0.88 -17.31
N SER A 177 -12.70 2.13 -17.63
CA SER A 177 -13.18 2.39 -18.98
CA SER A 177 -13.15 2.48 -18.98
C SER A 177 -12.07 2.26 -20.03
N ARG A 178 -10.81 2.36 -19.61
CA ARG A 178 -9.66 2.14 -20.47
C ARG A 178 -9.17 0.71 -20.48
N GLY A 179 -9.90 -0.19 -19.82
CA GLY A 179 -9.55 -1.60 -19.96
C GLY A 179 -8.71 -2.13 -18.81
N TYR A 180 -8.48 -1.31 -17.80
CA TYR A 180 -7.72 -1.78 -16.64
C TYR A 180 -8.58 -2.54 -15.66
N GLU A 181 -7.95 -3.50 -14.97
N GLU A 181 -7.93 -3.43 -14.94
CA GLU A 181 -8.55 -4.20 -13.82
CA GLU A 181 -8.52 -4.13 -13.83
C GLU A 181 -7.65 -4.04 -12.62
C GLU A 181 -7.64 -3.88 -12.64
N PHE A 182 -8.26 -3.78 -11.46
CA PHE A 182 -7.55 -3.51 -10.22
C PHE A 182 -7.30 -4.80 -9.43
N VAL A 183 -6.06 -4.96 -8.97
CA VAL A 183 -5.68 -6.20 -8.30
C VAL A 183 -4.87 -5.88 -7.06
N THR A 184 -4.78 -6.85 -6.13
CA THR A 184 -3.87 -6.68 -4.98
C THR A 184 -2.43 -6.87 -5.45
N LEU A 185 -1.44 -6.57 -4.61
CA LEU A 185 -0.04 -6.84 -5.00
C LEU A 185 0.22 -8.32 -5.27
N THR A 186 -0.29 -9.19 -4.40
CA THR A 186 -0.07 -10.62 -4.63
C THR A 186 -0.69 -11.04 -5.96
N GLU A 187 -1.90 -10.54 -6.23
CA GLU A 187 -2.58 -10.87 -7.50
C GLU A 187 -1.81 -10.34 -8.70
N LEU A 188 -1.27 -9.12 -8.57
CA LEU A 188 -0.50 -8.53 -9.67
C LEU A 188 0.69 -9.43 -10.04
N PHE A 189 1.47 -9.82 -9.02
CA PHE A 189 2.60 -10.73 -9.32
C PHE A 189 2.13 -12.05 -9.91
N THR A 190 1.12 -12.64 -9.28
CA THR A 190 0.65 -13.97 -9.66
C THR A 190 0.11 -13.97 -11.10
N LEU A 191 -0.72 -12.96 -11.42
CA LEU A 191 -1.33 -12.93 -12.75
C LEU A 191 -0.30 -12.62 -13.86
N LYS A 192 0.79 -11.97 -13.48
CA LYS A 192 1.88 -11.68 -14.45
C LYS A 192 2.93 -12.79 -14.48
N GLY A 193 2.77 -13.79 -13.62
CA GLY A 193 3.74 -14.91 -13.59
C GLY A 193 5.09 -14.55 -13.01
N VAL A 194 5.11 -13.57 -12.12
CA VAL A 194 6.38 -13.16 -11.46
C VAL A 194 6.40 -13.73 -10.03
N PRO A 195 7.39 -14.60 -9.71
CA PRO A 195 7.43 -15.11 -8.33
C PRO A 195 7.52 -14.00 -7.31
N ILE A 196 6.82 -14.16 -6.20
CA ILE A 196 6.89 -13.16 -5.12
C ILE A 196 8.08 -13.63 -4.26
N ASP A 197 9.27 -13.10 -4.55
CA ASP A 197 10.50 -13.68 -4.05
C ASP A 197 11.32 -12.60 -3.35
N PRO A 198 11.32 -12.61 -2.01
CA PRO A 198 12.01 -11.58 -1.25
C PRO A 198 13.54 -11.65 -1.39
N SER A 199 14.08 -12.66 -2.05
CA SER A 199 15.52 -12.68 -2.26
C SER A 199 15.93 -11.69 -3.37
N VAL A 200 14.94 -11.22 -4.13
CA VAL A 200 15.13 -10.13 -5.11
C VAL A 200 15.21 -8.83 -4.29
N LYS A 201 16.35 -8.21 -4.37
CA LYS A 201 16.66 -7.09 -3.49
C LYS A 201 16.59 -5.91 -4.39
N ARG A 202 15.40 -5.73 -5.02
CA ARG A 202 15.14 -4.55 -5.83
C ARG A 202 13.79 -4.03 -5.48
N MET A 203 13.61 -2.74 -5.63
CA MET A 203 12.30 -2.13 -5.37
C MET A 203 11.40 -2.13 -6.61
N TYR A 204 10.20 -2.68 -6.46
CA TYR A 204 9.30 -2.75 -7.66
C TYR A 204 8.41 -1.52 -7.69
N ASN A 205 8.46 -0.77 -8.78
CA ASN A 205 7.51 0.32 -9.02
C ASN A 205 6.39 -0.15 -9.95
N SER A 206 6.64 -1.29 -10.60
CA SER A 206 5.68 -1.94 -11.52
C SER A 206 6.07 -3.40 -11.61
N VAL A 207 5.19 -4.19 -12.23
CA VAL A 207 5.44 -5.63 -12.42
C VAL A 207 5.17 -5.96 -13.84
N PRO A 208 6.15 -6.58 -14.54
CA PRO A 208 7.48 -6.97 -14.08
C PRO A 208 8.41 -5.74 -13.84
N LEU A 209 9.57 -5.96 -13.23
CA LEU A 209 10.51 -4.84 -13.05
C LEU A 209 10.74 -4.04 -14.33
CO CO B . 4.49 6.71 4.56
#